data_2NX1
#
_entry.id   2NX1
#
_cell.length_a   84.765
_cell.length_b   84.765
_cell.length_c   160.578
_cell.angle_alpha   90.00
_cell.angle_beta   90.00
_cell.angle_gamma   120.00
#
_symmetry.space_group_name_H-M   'P 31 2 1'
#
loop_
_entity.id
_entity.type
_entity.pdbx_description
1 polymer '2-dehydro-3-deoxyphosphooctonate aldolase'
2 non-polymer 5-O-phosphono-beta-D-ribofuranose
3 non-polymer PHOSPHOENOLPYRUVATE
4 water water
#
_entity_poly.entity_id   1
_entity_poly.type   'polypeptide(L)'
_entity_poly.pdbx_seq_one_letter_code
;MEKFLVIAGPNAIESEELLLKVGEEIKRLSEKFKEVEFVFKSSFDKANRSSIHSFRGHGLEYGVKALRKVKEEFGLKITT
DIHESWQAEPVAEVADIIQIPAFLCRQTDLLLAAAKTGRAVNVKKGQFLAPWDTKNVVEKLKFGGAKEIYLTERGTTFGY
NNLVVDFRSLPIMKQWAKVIYDATHSVQLPGGLGDKSGGMREFIFPLIRAAVAVGCDGVFMETHPEPEKALSDASTQLPL
SQLEGIIEAILEIREVASKYYETIPVK
;
_entity_poly.pdbx_strand_id   A,B
#
loop_
_chem_comp.id
_chem_comp.type
_chem_comp.name
_chem_comp.formula
PEP non-polymer PHOSPHOENOLPYRUVATE 'C3 H5 O6 P'
RP5 D-saccharide, beta linking 5-O-phosphono-beta-D-ribofuranose 'C5 H11 O8 P'
#
# COMPACT_ATOMS: atom_id res chain seq x y z
N GLU A 2 -14.62 -5.39 -29.36
CA GLU A 2 -13.95 -4.12 -28.96
C GLU A 2 -12.44 -4.24 -29.22
N LYS A 3 -11.75 -3.11 -29.20
CA LYS A 3 -10.32 -3.10 -29.46
C LYS A 3 -9.49 -3.51 -28.23
N PHE A 4 -8.65 -4.52 -28.40
CA PHE A 4 -7.81 -5.04 -27.33
C PHE A 4 -6.69 -4.07 -27.00
N LEU A 5 -6.47 -3.85 -25.71
CA LEU A 5 -5.44 -2.92 -25.27
C LEU A 5 -4.17 -3.65 -24.85
N VAL A 6 -3.03 -3.16 -25.30
CA VAL A 6 -1.75 -3.73 -24.91
C VAL A 6 -0.92 -2.59 -24.36
N ILE A 7 -0.64 -2.64 -23.06
CA ILE A 7 0.16 -1.62 -22.41
C ILE A 7 1.54 -2.26 -22.26
N ALA A 8 2.55 -1.65 -22.87
CA ALA A 8 3.91 -2.17 -22.81
C ALA A 8 4.98 -1.09 -22.82
N GLY A 9 6.17 -1.46 -22.38
CA GLY A 9 7.28 -0.51 -22.34
C GLY A 9 8.26 -0.93 -21.26
N PRO A 10 9.37 -0.19 -21.09
CA PRO A 10 10.35 -0.53 -20.07
C PRO A 10 9.82 -0.14 -18.70
N ASN A 11 10.04 -0.98 -17.69
CA ASN A 11 9.55 -0.70 -16.34
C ASN A 11 9.83 0.74 -15.90
N ALA A 12 11.09 1.15 -15.99
CA ALA A 12 11.49 2.49 -15.57
C ALA A 12 12.16 3.26 -16.70
N ILE A 13 12.02 4.58 -16.67
CA ILE A 13 12.64 5.45 -17.67
C ILE A 13 14.12 5.59 -17.35
N GLU A 14 14.89 4.57 -17.72
CA GLU A 14 16.32 4.54 -17.47
C GLU A 14 17.03 5.65 -18.25
N SER A 15 16.46 6.00 -19.40
CA SER A 15 17.02 7.04 -20.24
C SER A 15 16.04 7.31 -21.38
N GLU A 16 16.11 8.49 -21.95
CA GLU A 16 15.23 8.84 -23.05
C GLU A 16 15.55 7.91 -24.22
N GLU A 17 16.81 7.52 -24.35
CA GLU A 17 17.23 6.63 -25.43
C GLU A 17 16.60 5.25 -25.33
N LEU A 18 16.46 4.73 -24.10
CA LEU A 18 15.85 3.43 -23.89
C LEU A 18 14.40 3.48 -24.35
N LEU A 19 13.71 4.55 -23.99
CA LEU A 19 12.32 4.75 -24.36
C LEU A 19 12.11 4.78 -25.86
N LEU A 20 12.97 5.51 -26.57
CA LEU A 20 12.86 5.60 -28.02
C LEU A 20 13.15 4.26 -28.68
N LYS A 21 14.08 3.51 -28.12
CA LYS A 21 14.43 2.21 -28.66
C LYS A 21 13.22 1.28 -28.54
N VAL A 22 12.64 1.21 -27.34
CA VAL A 22 11.48 0.35 -27.11
C VAL A 22 10.27 0.87 -27.89
N GLY A 23 10.12 2.19 -27.92
CA GLY A 23 9.01 2.81 -28.62
C GLY A 23 8.98 2.53 -30.11
N GLU A 24 10.16 2.42 -30.72
CA GLU A 24 10.25 2.16 -32.15
C GLU A 24 9.66 0.78 -32.47
N GLU A 25 9.90 -0.18 -31.58
CA GLU A 25 9.38 -1.52 -31.77
C GLU A 25 7.87 -1.53 -31.57
N ILE A 26 7.41 -0.82 -30.53
CA ILE A 26 5.97 -0.78 -30.25
C ILE A 26 5.24 -0.08 -31.40
N LYS A 27 5.89 0.92 -32.00
CA LYS A 27 5.29 1.62 -33.12
C LYS A 27 5.17 0.63 -34.28
N ARG A 28 6.23 -0.14 -34.52
CA ARG A 28 6.21 -1.13 -35.61
C ARG A 28 5.10 -2.15 -35.37
N LEU A 29 4.94 -2.58 -34.13
CA LEU A 29 3.91 -3.57 -33.81
C LEU A 29 2.51 -2.98 -33.95
N SER A 30 2.35 -1.71 -33.60
CA SER A 30 1.04 -1.08 -33.71
C SER A 30 0.61 -0.99 -35.19
N GLU A 31 1.58 -0.97 -36.09
CA GLU A 31 1.30 -0.90 -37.52
C GLU A 31 0.83 -2.25 -38.04
N LYS A 32 1.40 -3.32 -37.50
CA LYS A 32 1.02 -4.67 -37.92
C LYS A 32 -0.28 -5.07 -37.24
N PHE A 33 -0.29 -5.01 -35.90
CA PHE A 33 -1.47 -5.37 -35.13
C PHE A 33 -2.44 -4.19 -35.03
N LYS A 34 -3.07 -3.86 -36.16
CA LYS A 34 -3.99 -2.74 -36.22
C LYS A 34 -5.24 -2.92 -35.35
N GLU A 35 -5.56 -4.16 -35.00
CA GLU A 35 -6.72 -4.41 -34.16
C GLU A 35 -6.41 -4.15 -32.69
N VAL A 36 -5.15 -3.83 -32.40
CA VAL A 36 -4.72 -3.58 -31.03
C VAL A 36 -4.48 -2.10 -30.77
N GLU A 37 -4.83 -1.65 -29.57
CA GLU A 37 -4.57 -0.27 -29.21
C GLU A 37 -3.37 -0.33 -28.27
N PHE A 38 -2.22 0.13 -28.75
CA PHE A 38 -1.01 0.12 -27.95
C PHE A 38 -0.86 1.38 -27.10
N VAL A 39 -0.38 1.20 -25.88
CA VAL A 39 -0.14 2.32 -24.97
C VAL A 39 1.25 2.11 -24.38
N PHE A 40 2.14 3.06 -24.59
CA PHE A 40 3.52 2.99 -24.10
C PHE A 40 3.57 3.31 -22.60
N LYS A 41 4.23 2.44 -21.84
CA LYS A 41 4.35 2.61 -20.40
C LYS A 41 5.76 2.61 -19.87
N SER A 42 6.02 3.47 -18.89
CA SER A 42 7.31 3.55 -18.24
C SER A 42 7.23 4.53 -17.08
N SER A 43 7.75 4.12 -15.93
CA SER A 43 7.71 4.93 -14.71
C SER A 43 8.85 5.96 -14.62
N PHE A 44 8.50 7.20 -14.30
CA PHE A 44 9.51 8.25 -14.15
C PHE A 44 10.14 8.10 -12.76
N ASP A 45 9.53 7.25 -11.94
CA ASP A 45 10.04 6.99 -10.60
C ASP A 45 9.52 5.70 -9.97
N LYS A 46 10.44 4.94 -9.38
CA LYS A 46 10.10 3.71 -8.67
C LYS A 46 10.14 4.19 -7.21
N ALA A 47 8.98 4.64 -6.73
CA ALA A 47 8.85 5.18 -5.39
C ALA A 47 8.68 4.15 -4.29
N ASN A 48 8.66 2.88 -4.66
CA ASN A 48 8.46 1.82 -3.67
C ASN A 48 9.49 0.70 -3.70
N ARG A 49 10.74 0.99 -4.07
CA ARG A 49 11.76 -0.05 -4.10
C ARG A 49 11.94 -0.60 -2.68
N SER A 50 12.32 -1.87 -2.56
CA SER A 50 12.53 -2.47 -1.25
C SER A 50 13.72 -1.83 -0.56
N SER A 51 14.79 -1.61 -1.32
CA SER A 51 16.01 -1.03 -0.78
C SER A 51 16.26 0.43 -1.14
N ILE A 52 16.86 1.16 -0.20
CA ILE A 52 17.18 2.56 -0.39
C ILE A 52 18.30 2.68 -1.43
N HIS A 53 18.98 1.57 -1.71
CA HIS A 53 20.08 1.58 -2.67
C HIS A 53 19.72 1.23 -4.10
N SER A 54 18.44 0.95 -4.36
CA SER A 54 18.02 0.60 -5.72
C SER A 54 17.68 1.80 -6.60
N PHE A 55 17.69 1.58 -7.90
CA PHE A 55 17.38 2.61 -8.88
C PHE A 55 15.94 3.11 -8.72
N ARG A 56 15.78 4.43 -8.72
CA ARG A 56 14.46 5.03 -8.61
C ARG A 56 14.07 5.74 -9.91
N GLY A 57 14.97 6.56 -10.42
CA GLY A 57 14.69 7.27 -11.66
C GLY A 57 15.40 8.61 -11.78
N HIS A 58 15.03 9.39 -12.79
CA HIS A 58 15.65 10.69 -13.01
C HIS A 58 14.73 11.87 -12.76
N GLY A 59 13.68 11.64 -11.96
CA GLY A 59 12.76 12.71 -11.64
C GLY A 59 11.58 12.85 -12.57
N LEU A 60 10.54 13.52 -12.07
CA LEU A 60 9.30 13.74 -12.81
C LEU A 60 9.52 14.56 -14.08
N GLU A 61 10.20 15.70 -13.95
CA GLU A 61 10.43 16.58 -15.10
C GLU A 61 11.11 15.84 -16.27
N TYR A 62 12.20 15.14 -15.97
CA TYR A 62 12.93 14.39 -16.99
C TYR A 62 12.02 13.31 -17.60
N GLY A 63 11.36 12.55 -16.73
CA GLY A 63 10.48 11.47 -17.17
C GLY A 63 9.39 11.91 -18.13
N VAL A 64 8.66 12.97 -17.77
CA VAL A 64 7.59 13.48 -18.62
C VAL A 64 8.15 13.91 -19.97
N LYS A 65 9.31 14.56 -19.95
CA LYS A 65 9.97 15.03 -21.16
C LYS A 65 10.29 13.85 -22.08
N ALA A 66 10.78 12.76 -21.50
CA ALA A 66 11.13 11.57 -22.25
C ALA A 66 9.87 10.91 -22.83
N LEU A 67 8.80 10.87 -22.03
CA LEU A 67 7.56 10.26 -22.48
C LEU A 67 6.93 11.09 -23.59
N ARG A 68 6.99 12.41 -23.46
CA ARG A 68 6.44 13.29 -24.47
C ARG A 68 7.18 13.07 -25.79
N LYS A 69 8.47 12.78 -25.69
CA LYS A 69 9.29 12.53 -26.87
C LYS A 69 8.81 11.27 -27.58
N VAL A 70 8.38 10.28 -26.82
CA VAL A 70 7.89 9.04 -27.42
C VAL A 70 6.56 9.29 -28.15
N LYS A 71 5.64 9.98 -27.48
CA LYS A 71 4.36 10.29 -28.09
C LYS A 71 4.53 11.11 -29.36
N GLU A 72 5.40 12.11 -29.28
CA GLU A 72 5.67 13.00 -30.39
C GLU A 72 6.32 12.30 -31.59
N GLU A 73 7.34 11.50 -31.31
CA GLU A 73 8.07 10.80 -32.35
C GLU A 73 7.38 9.56 -32.94
N PHE A 74 6.56 8.88 -32.14
CA PHE A 74 5.90 7.67 -32.61
C PHE A 74 4.37 7.75 -32.61
N GLY A 75 3.82 8.88 -32.15
CA GLY A 75 2.37 9.01 -32.12
C GLY A 75 1.71 7.98 -31.21
N LEU A 76 2.45 7.51 -30.21
CA LEU A 76 1.94 6.52 -29.27
C LEU A 76 1.26 7.13 -28.06
N LYS A 77 0.22 6.47 -27.56
CA LYS A 77 -0.46 6.93 -26.36
C LYS A 77 0.50 6.65 -25.20
N ILE A 78 0.32 7.35 -24.09
CA ILE A 78 1.21 7.22 -22.95
C ILE A 78 0.53 6.92 -21.61
N THR A 79 1.24 6.19 -20.75
CA THR A 79 0.75 5.90 -19.41
C THR A 79 1.95 5.79 -18.47
N THR A 80 1.82 6.36 -17.29
CA THR A 80 2.87 6.29 -16.27
C THR A 80 2.15 6.40 -14.93
N ASP A 81 2.80 5.96 -13.86
CA ASP A 81 2.17 6.00 -12.55
C ASP A 81 2.55 7.20 -11.69
N ILE A 82 1.61 7.63 -10.85
CA ILE A 82 1.84 8.75 -9.94
C ILE A 82 1.94 8.20 -8.54
N HIS A 83 2.63 8.92 -7.67
CA HIS A 83 2.87 8.45 -6.31
C HIS A 83 2.32 9.33 -5.20
N GLU A 84 2.12 10.61 -5.52
CA GLU A 84 1.55 11.57 -4.58
C GLU A 84 0.63 12.48 -5.38
N SER A 85 -0.41 12.99 -4.75
CA SER A 85 -1.41 13.83 -5.40
C SER A 85 -0.93 14.93 -6.34
N TRP A 86 0.09 15.68 -5.93
CA TRP A 86 0.58 16.78 -6.75
C TRP A 86 1.14 16.37 -8.11
N GLN A 87 1.50 15.10 -8.27
CA GLN A 87 2.08 14.66 -9.53
C GLN A 87 1.04 14.48 -10.65
N ALA A 88 -0.22 14.33 -10.26
CA ALA A 88 -1.29 14.11 -11.22
C ALA A 88 -1.37 15.18 -12.31
N GLU A 89 -1.47 16.45 -11.91
CA GLU A 89 -1.59 17.55 -12.87
C GLU A 89 -0.50 17.56 -13.93
N PRO A 90 0.79 17.60 -13.51
CA PRO A 90 1.84 17.63 -14.52
C PRO A 90 1.93 16.37 -15.39
N VAL A 91 1.67 15.21 -14.80
CA VAL A 91 1.73 13.96 -15.55
C VAL A 91 0.60 13.90 -16.57
N ALA A 92 -0.54 14.49 -16.22
CA ALA A 92 -1.70 14.50 -17.10
C ALA A 92 -1.39 15.21 -18.42
N GLU A 93 -0.37 16.04 -18.43
CA GLU A 93 0.01 16.76 -19.65
C GLU A 93 0.45 15.82 -20.76
N VAL A 94 1.08 14.70 -20.39
CA VAL A 94 1.54 13.75 -21.40
C VAL A 94 0.84 12.38 -21.33
N ALA A 95 0.41 11.99 -20.14
CA ALA A 95 -0.23 10.68 -19.96
C ALA A 95 -1.71 10.59 -20.33
N ASP A 96 -2.01 9.67 -21.23
CA ASP A 96 -3.37 9.41 -21.69
C ASP A 96 -4.09 8.58 -20.61
N ILE A 97 -3.32 7.77 -19.90
CA ILE A 97 -3.85 6.93 -18.83
C ILE A 97 -2.95 7.12 -17.62
N ILE A 98 -3.51 7.55 -16.51
CA ILE A 98 -2.71 7.74 -15.30
C ILE A 98 -2.82 6.44 -14.50
N GLN A 99 -1.68 5.85 -14.19
CA GLN A 99 -1.65 4.60 -13.46
C GLN A 99 -1.48 4.81 -11.95
N ILE A 100 -2.28 4.09 -11.16
CA ILE A 100 -2.23 4.15 -9.70
C ILE A 100 -1.55 2.88 -9.16
N PRO A 101 -0.40 3.03 -8.50
CA PRO A 101 0.35 1.88 -7.96
C PRO A 101 -0.46 0.95 -7.05
N ALA A 102 -0.11 -0.33 -7.08
CA ALA A 102 -0.81 -1.34 -6.28
C ALA A 102 -0.92 -1.00 -4.80
N PHE A 103 0.21 -0.68 -4.17
CA PHE A 103 0.20 -0.34 -2.74
C PHE A 103 -0.64 0.91 -2.44
N LEU A 104 -0.88 1.73 -3.46
CA LEU A 104 -1.62 2.98 -3.27
C LEU A 104 -3.05 2.95 -3.76
N CYS A 105 -3.54 1.78 -4.17
CA CYS A 105 -4.89 1.65 -4.71
C CYS A 105 -6.02 2.06 -3.75
N ARG A 106 -5.68 2.34 -2.49
CA ARG A 106 -6.70 2.75 -1.53
C ARG A 106 -6.56 4.20 -1.05
N GLN A 107 -5.52 4.89 -1.53
CA GLN A 107 -5.29 6.28 -1.13
C GLN A 107 -6.23 7.22 -1.87
N THR A 108 -7.35 7.52 -1.22
CA THR A 108 -8.39 8.38 -1.76
C THR A 108 -7.89 9.64 -2.48
N ASP A 109 -7.02 10.41 -1.83
CA ASP A 109 -6.51 11.64 -2.44
C ASP A 109 -5.78 11.41 -3.76
N LEU A 110 -5.02 10.32 -3.86
CA LEU A 110 -4.27 10.02 -5.07
C LEU A 110 -5.26 9.68 -6.21
N LEU A 111 -6.25 8.87 -5.90
CA LEU A 111 -7.28 8.49 -6.88
C LEU A 111 -8.03 9.74 -7.35
N LEU A 112 -8.44 10.58 -6.40
CA LEU A 112 -9.15 11.82 -6.72
C LEU A 112 -8.31 12.76 -7.60
N ALA A 113 -7.02 12.84 -7.33
CA ALA A 113 -6.12 13.70 -8.10
C ALA A 113 -6.07 13.25 -9.55
N ALA A 114 -6.01 11.94 -9.77
CA ALA A 114 -5.96 11.40 -11.12
C ALA A 114 -7.30 11.62 -11.83
N ALA A 115 -8.38 11.30 -11.13
CA ALA A 115 -9.72 11.44 -11.69
C ALA A 115 -10.09 12.82 -12.24
N LYS A 116 -9.72 13.88 -11.53
CA LYS A 116 -10.08 15.24 -11.96
C LYS A 116 -9.30 15.80 -13.14
N THR A 117 -8.28 15.07 -13.60
CA THR A 117 -7.47 15.52 -14.74
C THR A 117 -8.24 15.32 -16.04
N GLY A 118 -9.18 14.38 -16.04
CA GLY A 118 -9.94 14.09 -17.23
C GLY A 118 -9.33 12.93 -18.00
N ARG A 119 -8.13 12.51 -17.60
CA ARG A 119 -7.45 11.40 -18.25
C ARG A 119 -8.03 10.08 -17.76
N ALA A 120 -7.78 9.02 -18.52
CA ALA A 120 -8.26 7.69 -18.11
C ALA A 120 -7.39 7.27 -16.92
N VAL A 121 -7.93 6.39 -16.08
CA VAL A 121 -7.22 5.93 -14.90
C VAL A 121 -7.19 4.40 -14.78
N ASN A 122 -5.99 3.86 -14.61
CA ASN A 122 -5.80 2.43 -14.46
C ASN A 122 -5.26 2.13 -13.07
N VAL A 123 -6.02 1.40 -12.26
CA VAL A 123 -5.60 1.08 -10.91
C VAL A 123 -5.04 -0.32 -10.78
N LYS A 124 -3.82 -0.43 -10.29
CA LYS A 124 -3.22 -1.74 -10.07
C LYS A 124 -3.94 -2.26 -8.83
N LYS A 125 -4.49 -3.48 -8.90
CA LYS A 125 -5.17 -4.04 -7.75
C LYS A 125 -4.17 -4.44 -6.68
N GLY A 126 -4.35 -3.88 -5.48
CA GLY A 126 -3.44 -4.17 -4.38
C GLY A 126 -3.35 -5.66 -4.07
N GLN A 127 -2.17 -6.09 -3.64
CA GLN A 127 -1.95 -7.49 -3.31
C GLN A 127 -2.77 -7.91 -2.10
N PHE A 128 -3.32 -6.93 -1.38
CA PHE A 128 -4.12 -7.16 -0.18
C PHE A 128 -5.62 -7.09 -0.44
N LEU A 129 -5.99 -6.79 -1.68
CA LEU A 129 -7.40 -6.64 -2.05
C LEU A 129 -8.04 -7.91 -2.59
N ALA A 130 -9.32 -8.07 -2.30
CA ALA A 130 -10.11 -9.19 -2.80
C ALA A 130 -10.76 -8.63 -4.07
N PRO A 131 -11.03 -9.48 -5.07
CA PRO A 131 -11.64 -8.99 -6.30
C PRO A 131 -12.83 -8.06 -6.08
N TRP A 132 -13.76 -8.46 -5.20
CA TRP A 132 -14.94 -7.66 -4.93
C TRP A 132 -14.65 -6.36 -4.16
N ASP A 133 -13.45 -6.20 -3.62
CA ASP A 133 -13.10 -4.98 -2.89
C ASP A 133 -12.78 -3.83 -3.86
N THR A 134 -12.57 -4.14 -5.14
CA THR A 134 -12.26 -3.08 -6.10
C THR A 134 -13.47 -2.27 -6.51
N LYS A 135 -14.67 -2.77 -6.19
CA LYS A 135 -15.88 -2.05 -6.53
C LYS A 135 -15.82 -0.64 -5.93
N ASN A 136 -15.44 -0.55 -4.66
CA ASN A 136 -15.34 0.74 -3.99
C ASN A 136 -14.25 1.62 -4.59
N VAL A 137 -13.26 1.00 -5.22
CA VAL A 137 -12.18 1.73 -5.85
C VAL A 137 -12.74 2.48 -7.05
N VAL A 138 -13.56 1.79 -7.84
CA VAL A 138 -14.18 2.39 -9.02
C VAL A 138 -15.13 3.49 -8.60
N GLU A 139 -15.88 3.26 -7.52
CA GLU A 139 -16.83 4.25 -7.02
C GLU A 139 -16.12 5.55 -6.68
N LYS A 140 -14.96 5.47 -6.04
CA LYS A 140 -14.21 6.66 -5.69
C LYS A 140 -13.82 7.42 -6.96
N LEU A 141 -13.30 6.69 -7.95
CA LEU A 141 -12.90 7.31 -9.20
C LEU A 141 -14.06 7.99 -9.91
N LYS A 142 -15.19 7.32 -10.00
CA LYS A 142 -16.35 7.92 -10.67
C LYS A 142 -16.75 9.20 -9.92
N PHE A 143 -16.75 9.12 -8.59
CA PHE A 143 -17.08 10.26 -7.74
C PHE A 143 -16.14 11.42 -8.06
N GLY A 144 -14.88 11.08 -8.36
CA GLY A 144 -13.88 12.09 -8.67
C GLY A 144 -13.88 12.61 -10.09
N GLY A 145 -14.75 12.05 -10.95
CA GLY A 145 -14.81 12.53 -12.33
C GLY A 145 -14.24 11.65 -13.42
N ALA A 146 -13.71 10.48 -13.07
CA ALA A 146 -13.13 9.58 -14.07
C ALA A 146 -14.22 8.92 -14.90
N LYS A 147 -14.08 8.98 -16.22
CA LYS A 147 -15.05 8.39 -17.12
C LYS A 147 -14.55 7.10 -17.78
N GLU A 148 -13.23 6.92 -17.79
CA GLU A 148 -12.60 5.74 -18.37
C GLU A 148 -11.73 5.11 -17.27
N ILE A 149 -12.20 3.99 -16.73
CA ILE A 149 -11.50 3.32 -15.63
C ILE A 149 -11.07 1.89 -15.93
N TYR A 150 -9.86 1.54 -15.49
CA TYR A 150 -9.34 0.19 -15.67
C TYR A 150 -8.88 -0.35 -14.33
N LEU A 151 -8.98 -1.67 -14.16
CA LEU A 151 -8.51 -2.35 -12.96
C LEU A 151 -7.50 -3.38 -13.47
N THR A 152 -6.31 -3.40 -12.88
CA THR A 152 -5.29 -4.33 -13.32
C THR A 152 -4.98 -5.43 -12.33
N GLU A 153 -5.06 -6.67 -12.81
CA GLU A 153 -4.76 -7.85 -12.02
C GLU A 153 -3.24 -8.03 -12.02
N ARG A 154 -2.62 -8.02 -10.84
CA ARG A 154 -1.17 -8.19 -10.79
C ARG A 154 -0.72 -9.14 -9.67
N GLY A 155 -1.62 -10.04 -9.28
CA GLY A 155 -1.29 -11.00 -8.25
C GLY A 155 -1.77 -10.65 -6.86
N THR A 156 -1.90 -11.67 -6.02
CA THR A 156 -2.37 -11.51 -4.65
C THR A 156 -1.38 -12.17 -3.69
N THR A 157 -1.20 -11.57 -2.52
CA THR A 157 -0.29 -12.11 -1.51
C THR A 157 -0.66 -13.56 -1.18
N PHE A 158 0.29 -14.47 -1.38
CA PHE A 158 0.10 -15.90 -1.13
C PHE A 158 1.27 -16.38 -0.28
N GLY A 159 1.13 -16.31 1.03
CA GLY A 159 2.23 -16.70 1.88
C GLY A 159 3.27 -15.59 1.75
N TYR A 160 4.50 -15.86 2.16
CA TYR A 160 5.56 -14.86 2.08
C TYR A 160 6.37 -14.87 0.78
N ASN A 161 6.69 -13.67 0.31
CA ASN A 161 7.49 -13.48 -0.90
C ASN A 161 6.96 -14.22 -2.12
N ASN A 162 5.64 -14.37 -2.20
CA ASN A 162 5.06 -15.07 -3.33
C ASN A 162 3.70 -14.49 -3.66
N LEU A 163 3.32 -14.57 -4.92
CA LEU A 163 2.01 -14.08 -5.36
C LEU A 163 1.33 -15.17 -6.17
N VAL A 164 0.01 -15.17 -6.16
CA VAL A 164 -0.73 -16.13 -6.95
C VAL A 164 -1.74 -15.32 -7.72
N VAL A 165 -2.14 -15.82 -8.88
CA VAL A 165 -3.15 -15.14 -9.66
C VAL A 165 -4.42 -15.96 -9.59
N ASP A 166 -5.47 -15.35 -9.04
CA ASP A 166 -6.77 -15.97 -8.90
C ASP A 166 -7.55 -15.43 -10.11
N PHE A 167 -7.53 -16.17 -11.21
CA PHE A 167 -8.21 -15.71 -12.41
C PHE A 167 -9.71 -15.46 -12.27
N ARG A 168 -10.31 -15.83 -11.15
CA ARG A 168 -11.73 -15.56 -10.95
C ARG A 168 -11.92 -14.05 -10.85
N SER A 169 -10.83 -13.33 -10.56
CA SER A 169 -10.89 -11.88 -10.41
C SER A 169 -11.22 -11.16 -11.73
N LEU A 170 -10.89 -11.78 -12.85
CA LEU A 170 -11.16 -11.15 -14.14
C LEU A 170 -12.66 -10.94 -14.36
N PRO A 171 -13.47 -12.01 -14.34
CA PRO A 171 -14.91 -11.80 -14.54
C PRO A 171 -15.57 -11.00 -13.41
N ILE A 172 -15.01 -11.07 -12.21
CA ILE A 172 -15.55 -10.33 -11.08
C ILE A 172 -15.35 -8.81 -11.25
N MET A 173 -14.11 -8.40 -11.51
CA MET A 173 -13.81 -6.98 -11.69
C MET A 173 -14.47 -6.40 -12.94
N LYS A 174 -14.75 -7.26 -13.92
CA LYS A 174 -15.37 -6.80 -15.15
C LYS A 174 -16.78 -6.25 -14.89
N GLN A 175 -17.33 -6.54 -13.72
CA GLN A 175 -18.66 -6.05 -13.37
C GLN A 175 -18.70 -4.53 -13.23
N TRP A 176 -17.56 -3.92 -12.88
CA TRP A 176 -17.52 -2.48 -12.68
C TRP A 176 -16.42 -1.72 -13.43
N ALA A 177 -15.58 -2.41 -14.19
CA ALA A 177 -14.54 -1.71 -14.95
C ALA A 177 -13.93 -2.59 -16.02
N LYS A 178 -13.12 -1.98 -16.88
CA LYS A 178 -12.42 -2.74 -17.92
C LYS A 178 -11.25 -3.36 -17.18
N VAL A 179 -10.94 -4.61 -17.51
CA VAL A 179 -9.88 -5.33 -16.82
C VAL A 179 -8.61 -5.57 -17.62
N ILE A 180 -7.48 -5.26 -17.01
CA ILE A 180 -6.17 -5.44 -17.63
C ILE A 180 -5.40 -6.50 -16.83
N TYR A 181 -4.67 -7.37 -17.53
CA TYR A 181 -3.86 -8.38 -16.84
C TYR A 181 -2.39 -7.98 -16.96
N ASP A 182 -1.74 -7.81 -15.82
CA ASP A 182 -0.32 -7.45 -15.75
C ASP A 182 0.46 -8.77 -15.79
N ALA A 183 0.91 -9.15 -16.98
CA ALA A 183 1.63 -10.41 -17.16
C ALA A 183 3.02 -10.49 -16.54
N THR A 184 3.65 -9.36 -16.30
CA THR A 184 5.00 -9.40 -15.74
C THR A 184 5.07 -9.30 -14.22
N HIS A 185 4.28 -8.44 -13.59
CA HIS A 185 4.32 -8.36 -12.13
C HIS A 185 3.64 -9.55 -11.47
N SER A 186 2.74 -10.21 -12.20
CA SER A 186 2.04 -11.35 -11.64
C SER A 186 2.97 -12.53 -11.32
N VAL A 187 4.16 -12.55 -11.91
CA VAL A 187 5.10 -13.63 -11.64
C VAL A 187 6.27 -13.22 -10.74
N GLN A 188 6.25 -11.98 -10.24
CA GLN A 188 7.35 -11.54 -9.38
C GLN A 188 7.25 -12.14 -7.98
N LEU A 189 8.40 -12.29 -7.34
CA LEU A 189 8.47 -12.82 -5.99
C LEU A 189 8.89 -11.61 -5.13
N PRO A 190 7.91 -10.95 -4.50
CA PRO A 190 8.18 -9.77 -3.65
C PRO A 190 9.29 -10.04 -2.65
N GLY A 191 10.31 -9.16 -2.67
CA GLY A 191 11.44 -9.31 -1.76
C GLY A 191 12.14 -10.65 -1.87
N GLY A 192 11.86 -11.38 -2.94
CA GLY A 192 12.47 -12.69 -3.14
C GLY A 192 13.98 -12.75 -3.16
N LEU A 193 14.64 -11.66 -3.55
CA LEU A 193 16.10 -11.62 -3.61
C LEU A 193 16.73 -10.89 -2.42
N GLY A 194 15.95 -10.67 -1.36
CA GLY A 194 16.47 -9.99 -0.19
C GLY A 194 16.34 -8.48 -0.22
N ASP A 195 17.15 -7.83 -1.03
CA ASP A 195 17.13 -6.37 -1.14
C ASP A 195 16.33 -5.96 -2.38
N LYS A 196 15.84 -6.95 -3.13
CA LYS A 196 15.06 -6.72 -4.33
C LYS A 196 14.08 -7.88 -4.52
N SER A 197 13.04 -7.65 -5.31
CA SER A 197 12.07 -8.69 -5.58
C SER A 197 12.59 -9.57 -6.70
N GLY A 198 12.17 -10.83 -6.70
CA GLY A 198 12.59 -11.77 -7.72
C GLY A 198 11.47 -11.94 -8.73
N GLY A 199 11.52 -13.04 -9.48
CA GLY A 199 10.50 -13.29 -10.47
C GLY A 199 10.76 -14.57 -11.24
N MET A 200 9.72 -15.10 -11.88
CA MET A 200 9.85 -16.33 -12.65
C MET A 200 9.32 -16.11 -14.06
N ARG A 201 10.24 -15.73 -14.96
CA ARG A 201 9.94 -15.45 -16.36
C ARG A 201 9.28 -16.59 -17.12
N GLU A 202 9.64 -17.83 -16.80
CA GLU A 202 9.08 -18.98 -17.49
C GLU A 202 7.57 -19.08 -17.39
N PHE A 203 6.95 -18.37 -16.44
CA PHE A 203 5.50 -18.42 -16.28
C PHE A 203 4.77 -17.25 -16.92
N ILE A 204 5.50 -16.25 -17.39
CA ILE A 204 4.86 -15.09 -18.02
C ILE A 204 3.91 -15.47 -19.15
N PHE A 205 4.43 -16.17 -20.16
CA PHE A 205 3.61 -16.57 -21.31
C PHE A 205 2.45 -17.49 -20.95
N PRO A 206 2.72 -18.58 -20.20
CA PRO A 206 1.57 -19.44 -19.89
C PRO A 206 0.42 -18.73 -19.19
N LEU A 207 0.73 -17.88 -18.21
CA LEU A 207 -0.32 -17.16 -17.49
C LEU A 207 -1.02 -16.11 -18.35
N ILE A 208 -0.31 -15.55 -19.33
CA ILE A 208 -0.94 -14.56 -20.18
C ILE A 208 -1.95 -15.29 -21.07
N ARG A 209 -1.63 -16.53 -21.45
CA ARG A 209 -2.54 -17.32 -22.26
C ARG A 209 -3.82 -17.58 -21.46
N ALA A 210 -3.64 -17.84 -20.17
CA ALA A 210 -4.75 -18.10 -19.26
C ALA A 210 -5.66 -16.88 -19.20
N ALA A 211 -5.04 -15.71 -19.05
CA ALA A 211 -5.80 -14.46 -18.95
C ALA A 211 -6.70 -14.21 -20.16
N VAL A 212 -6.15 -14.37 -21.35
CA VAL A 212 -6.96 -14.14 -22.55
C VAL A 212 -8.00 -15.23 -22.78
N ALA A 213 -7.71 -16.45 -22.32
CA ALA A 213 -8.66 -17.54 -22.48
C ALA A 213 -9.86 -17.26 -21.57
N VAL A 214 -9.58 -16.69 -20.40
CA VAL A 214 -10.63 -16.36 -19.44
C VAL A 214 -11.40 -15.15 -19.99
N GLY A 215 -10.64 -14.16 -20.48
CA GLY A 215 -11.23 -12.97 -21.04
C GLY A 215 -10.91 -11.70 -20.26
N CYS A 216 -10.19 -10.79 -20.91
CA CYS A 216 -9.85 -9.51 -20.30
C CYS A 216 -9.90 -8.46 -21.40
N ASP A 217 -9.78 -7.18 -21.05
CA ASP A 217 -9.85 -6.11 -22.03
C ASP A 217 -8.50 -5.67 -22.56
N GLY A 218 -7.44 -6.24 -22.00
CA GLY A 218 -6.11 -5.90 -22.44
C GLY A 218 -5.07 -6.50 -21.52
N VAL A 219 -3.81 -6.42 -21.93
CA VAL A 219 -2.72 -6.96 -21.14
C VAL A 219 -1.65 -5.90 -20.93
N PHE A 220 -0.96 -6.01 -19.80
CA PHE A 220 0.10 -5.09 -19.44
C PHE A 220 1.37 -5.94 -19.43
N MET A 221 2.37 -5.55 -20.22
CA MET A 221 3.62 -6.29 -20.30
C MET A 221 4.81 -5.33 -20.34
N GLU A 222 5.73 -5.49 -19.39
CA GLU A 222 6.91 -4.65 -19.39
C GLU A 222 7.98 -5.39 -20.19
N THR A 223 8.66 -4.66 -21.07
CA THR A 223 9.67 -5.26 -21.91
C THR A 223 10.92 -4.39 -21.96
N HIS A 224 12.07 -5.01 -22.17
CA HIS A 224 13.33 -4.30 -22.21
C HIS A 224 14.24 -4.99 -23.22
N PRO A 225 15.09 -4.22 -23.91
CA PRO A 225 15.99 -4.82 -24.90
C PRO A 225 16.86 -5.94 -24.30
N GLU A 226 17.32 -5.73 -23.08
CA GLU A 226 18.15 -6.72 -22.38
C GLU A 226 17.72 -6.75 -20.92
N PRO A 227 16.67 -7.54 -20.61
CA PRO A 227 16.12 -7.67 -19.25
C PRO A 227 17.16 -7.81 -18.14
N GLU A 228 18.21 -8.58 -18.42
CA GLU A 228 19.29 -8.84 -17.46
C GLU A 228 19.99 -7.56 -17.00
N LYS A 229 19.93 -6.51 -17.83
CA LYS A 229 20.59 -5.26 -17.50
C LYS A 229 19.62 -4.18 -17.01
N ALA A 230 18.35 -4.53 -16.85
CA ALA A 230 17.35 -3.57 -16.37
C ALA A 230 17.72 -3.08 -14.97
N LEU A 231 17.49 -1.79 -14.72
CA LEU A 231 17.81 -1.21 -13.42
C LEU A 231 16.71 -1.50 -12.40
N SER A 232 15.66 -2.18 -12.84
CA SER A 232 14.55 -2.55 -11.99
C SER A 232 13.78 -3.68 -12.65
N ASP A 233 13.14 -4.51 -11.84
CA ASP A 233 12.34 -5.64 -12.31
C ASP A 233 13.04 -6.46 -13.41
N ALA A 234 14.35 -6.64 -13.29
CA ALA A 234 15.11 -7.40 -14.27
C ALA A 234 14.66 -8.86 -14.38
N SER A 235 14.06 -9.38 -13.32
CA SER A 235 13.60 -10.77 -13.29
C SER A 235 12.30 -11.00 -14.04
N THR A 236 11.51 -9.95 -14.23
CA THR A 236 10.22 -10.12 -14.89
C THR A 236 10.05 -9.43 -16.23
N GLN A 237 10.98 -8.55 -16.61
CA GLN A 237 10.84 -7.87 -17.88
C GLN A 237 11.10 -8.78 -19.07
N LEU A 238 10.20 -8.74 -20.04
CA LEU A 238 10.26 -9.57 -21.22
C LEU A 238 11.24 -9.05 -22.28
N PRO A 239 12.04 -9.94 -22.88
CA PRO A 239 12.98 -9.49 -23.91
C PRO A 239 12.15 -8.84 -25.01
N LEU A 240 12.56 -7.67 -25.48
CA LEU A 240 11.83 -6.96 -26.52
C LEU A 240 11.57 -7.81 -27.77
N SER A 241 12.50 -8.70 -28.10
CA SER A 241 12.38 -9.54 -29.28
C SER A 241 11.21 -10.52 -29.22
N GLN A 242 10.76 -10.84 -28.01
CA GLN A 242 9.65 -11.78 -27.82
C GLN A 242 8.27 -11.14 -27.81
N LEU A 243 8.22 -9.82 -27.71
CA LEU A 243 6.95 -9.10 -27.67
C LEU A 243 6.02 -9.46 -28.81
N GLU A 244 6.51 -9.33 -30.05
CA GLU A 244 5.69 -9.64 -31.22
C GLU A 244 5.05 -11.02 -31.14
N GLY A 245 5.86 -12.05 -30.85
CA GLY A 245 5.34 -13.40 -30.75
C GLY A 245 4.26 -13.56 -29.70
N ILE A 246 4.47 -12.97 -28.53
CA ILE A 246 3.51 -13.06 -27.44
C ILE A 246 2.20 -12.38 -27.82
N ILE A 247 2.29 -11.22 -28.48
CA ILE A 247 1.11 -10.48 -28.89
C ILE A 247 0.30 -11.26 -29.91
N GLU A 248 0.99 -11.84 -30.89
CA GLU A 248 0.29 -12.61 -31.91
C GLU A 248 -0.45 -13.78 -31.26
N ALA A 249 0.21 -14.43 -30.30
CA ALA A 249 -0.37 -15.57 -29.61
C ALA A 249 -1.65 -15.21 -28.85
N ILE A 250 -1.63 -14.11 -28.11
CA ILE A 250 -2.80 -13.75 -27.34
C ILE A 250 -3.95 -13.29 -28.23
N LEU A 251 -3.64 -12.74 -29.40
CA LEU A 251 -4.72 -12.33 -30.31
C LEU A 251 -5.39 -13.60 -30.87
N GLU A 252 -4.59 -14.60 -31.17
CA GLU A 252 -5.12 -15.87 -31.70
C GLU A 252 -5.99 -16.56 -30.65
N ILE A 253 -5.46 -16.70 -29.44
CA ILE A 253 -6.22 -17.36 -28.37
C ILE A 253 -7.49 -16.58 -28.04
N ARG A 254 -7.37 -15.25 -28.03
CA ARG A 254 -8.51 -14.38 -27.76
C ARG A 254 -9.62 -14.62 -28.79
N GLU A 255 -9.22 -14.69 -30.06
CA GLU A 255 -10.18 -14.91 -31.14
C GLU A 255 -10.94 -16.22 -31.00
N VAL A 256 -10.20 -17.31 -30.80
CA VAL A 256 -10.85 -18.62 -30.68
C VAL A 256 -11.69 -18.74 -29.41
N ALA A 257 -11.27 -18.07 -28.34
CA ALA A 257 -12.00 -18.13 -27.07
C ALA A 257 -13.16 -17.13 -26.95
N SER A 258 -13.03 -15.98 -27.60
CA SER A 258 -14.02 -14.91 -27.52
C SER A 258 -15.50 -15.28 -27.57
N LYS A 259 -15.87 -16.24 -28.41
CA LYS A 259 -17.29 -16.60 -28.51
C LYS A 259 -17.82 -17.21 -27.21
N TYR A 260 -16.92 -17.66 -26.34
CA TYR A 260 -17.33 -18.27 -25.08
C TYR A 260 -17.27 -17.33 -23.89
N TYR A 261 -16.80 -16.11 -24.11
CA TYR A 261 -16.71 -15.12 -23.03
C TYR A 261 -18.12 -14.86 -22.48
N GLU A 262 -18.27 -15.01 -21.17
CA GLU A 262 -19.57 -14.77 -20.54
C GLU A 262 -19.93 -13.29 -20.51
N THR A 263 -21.22 -13.00 -20.60
CA THR A 263 -21.69 -11.62 -20.54
C THR A 263 -21.85 -11.20 -19.09
N ILE A 264 -21.15 -10.15 -18.67
CA ILE A 264 -21.25 -9.69 -17.29
C ILE A 264 -22.34 -8.64 -17.09
N LYS B 3 11.36 1.39 29.02
CA LYS B 3 10.18 0.72 29.63
C LYS B 3 9.13 0.37 28.59
N PHE B 4 8.16 -0.44 29.00
CA PHE B 4 7.09 -0.88 28.10
C PHE B 4 6.27 0.27 27.54
N LEU B 5 6.09 0.24 26.22
CA LEU B 5 5.33 1.28 25.53
C LEU B 5 3.89 0.87 25.29
N VAL B 6 2.97 1.78 25.56
CA VAL B 6 1.55 1.53 25.34
C VAL B 6 1.00 2.69 24.51
N ILE B 7 0.72 2.43 23.24
CA ILE B 7 0.17 3.45 22.34
C ILE B 7 -1.33 3.22 22.35
N ALA B 8 -2.09 4.25 22.72
CA ALA B 8 -3.53 4.12 22.78
C ALA B 8 -4.23 5.44 22.50
N GLY B 9 -5.50 5.34 22.13
CA GLY B 9 -6.29 6.52 21.83
C GLY B 9 -7.34 6.17 20.80
N PRO B 10 -8.22 7.12 20.45
CA PRO B 10 -9.26 6.87 19.46
C PRO B 10 -8.67 6.78 18.06
N ASN B 11 -9.21 5.89 17.24
CA ASN B 11 -8.72 5.70 15.88
C ASN B 11 -8.62 7.02 15.12
N ALA B 12 -9.73 7.75 15.07
CA ALA B 12 -9.80 9.02 14.35
C ALA B 12 -10.12 10.19 15.27
N ILE B 13 -9.64 11.38 14.90
CA ILE B 13 -9.91 12.58 15.68
C ILE B 13 -11.30 13.08 15.28
N GLU B 14 -12.32 12.45 15.85
CA GLU B 14 -13.70 12.82 15.56
C GLU B 14 -14.01 14.21 16.10
N SER B 15 -13.25 14.65 17.09
CA SER B 15 -13.41 15.96 17.72
C SER B 15 -12.37 16.07 18.81
N GLU B 16 -11.95 17.28 19.17
CA GLU B 16 -10.96 17.38 20.23
C GLU B 16 -11.63 17.00 21.54
N GLU B 17 -12.95 17.11 21.57
CA GLU B 17 -13.73 16.75 22.76
C GLU B 17 -13.49 15.26 23.04
N LEU B 18 -13.61 14.44 22.00
CA LEU B 18 -13.39 13.01 22.12
C LEU B 18 -11.95 12.74 22.57
N LEU B 19 -11.01 13.47 21.97
CA LEU B 19 -9.60 13.31 22.31
C LEU B 19 -9.30 13.65 23.76
N LEU B 20 -10.04 14.62 24.32
CA LEU B 20 -9.82 15.04 25.70
C LEU B 20 -10.39 14.00 26.66
N LYS B 21 -11.56 13.47 26.34
CA LYS B 21 -12.20 12.46 27.18
C LYS B 21 -11.30 11.22 27.27
N VAL B 22 -10.82 10.75 26.12
CA VAL B 22 -9.96 9.57 26.10
C VAL B 22 -8.61 9.92 26.72
N GLY B 23 -8.09 11.09 26.38
CA GLY B 23 -6.81 11.51 26.92
C GLY B 23 -6.81 11.55 28.44
N GLU B 24 -7.94 11.93 29.01
CA GLU B 24 -8.10 12.01 30.46
C GLU B 24 -7.89 10.65 31.11
N GLU B 25 -8.53 9.62 30.55
CA GLU B 25 -8.40 8.27 31.06
C GLU B 25 -6.96 7.78 30.87
N ILE B 26 -6.37 8.06 29.72
CA ILE B 26 -5.01 7.62 29.45
C ILE B 26 -4.04 8.29 30.42
N LYS B 27 -4.39 9.50 30.85
CA LYS B 27 -3.54 10.23 31.79
C LYS B 27 -3.65 9.55 33.17
N ARG B 28 -4.88 9.20 33.54
CA ARG B 28 -5.13 8.55 34.82
C ARG B 28 -4.35 7.23 34.89
N LEU B 29 -4.35 6.48 33.79
CA LEU B 29 -3.62 5.22 33.72
C LEU B 29 -2.14 5.49 33.75
N SER B 30 -1.75 6.59 33.11
CA SER B 30 -0.36 7.00 33.05
C SER B 30 0.18 7.18 34.46
N GLU B 31 -0.65 7.77 35.32
CA GLU B 31 -0.27 8.02 36.70
C GLU B 31 -0.31 6.74 37.54
N LYS B 32 -1.13 5.79 37.12
CA LYS B 32 -1.29 4.53 37.83
C LYS B 32 -0.25 3.47 37.48
N PHE B 33 0.28 3.54 36.26
CA PHE B 33 1.28 2.58 35.81
C PHE B 33 2.57 3.27 35.40
N LYS B 34 3.36 3.66 36.39
CA LYS B 34 4.64 4.35 36.14
C LYS B 34 5.63 3.47 35.39
N GLU B 35 5.35 2.18 35.34
CA GLU B 35 6.22 1.22 34.67
C GLU B 35 6.00 1.27 33.16
N VAL B 36 4.93 1.95 32.75
CA VAL B 36 4.58 2.07 31.34
C VAL B 36 4.75 3.46 30.77
N GLU B 37 5.12 3.53 29.49
CA GLU B 37 5.24 4.81 28.83
C GLU B 37 4.04 4.88 27.88
N PHE B 38 3.11 5.77 28.18
CA PHE B 38 1.93 5.93 27.33
C PHE B 38 2.15 6.99 26.25
N VAL B 39 1.65 6.70 25.05
CA VAL B 39 1.75 7.61 23.92
C VAL B 39 0.33 7.69 23.37
N PHE B 40 -0.22 8.90 23.30
CA PHE B 40 -1.58 9.10 22.80
C PHE B 40 -1.62 9.08 21.26
N LYS B 41 -2.52 8.27 20.71
CA LYS B 41 -2.64 8.14 19.25
C LYS B 41 -4.03 8.48 18.73
N SER B 42 -4.07 9.10 17.56
CA SER B 42 -5.32 9.44 16.89
C SER B 42 -4.97 10.03 15.53
N SER B 43 -5.68 9.57 14.50
CA SER B 43 -5.42 10.02 13.14
C SER B 43 -6.19 11.27 12.75
N PHE B 44 -5.49 12.26 12.21
CA PHE B 44 -6.16 13.48 11.78
C PHE B 44 -6.89 13.23 10.46
N ASP B 45 -6.56 12.12 9.80
CA ASP B 45 -7.19 11.77 8.52
C ASP B 45 -7.08 10.28 8.21
N LYS B 46 -8.20 9.70 7.79
CA LYS B 46 -8.23 8.31 7.39
C LYS B 46 -8.19 8.42 5.86
N ALA B 47 -6.97 8.37 5.33
CA ALA B 47 -6.72 8.52 3.91
C ALA B 47 -6.89 7.25 3.06
N ASN B 48 -7.22 6.13 3.70
CA ASN B 48 -7.38 4.86 3.00
C ASN B 48 -8.71 4.15 3.21
N ARG B 49 -9.77 4.89 3.52
CA ARG B 49 -11.07 4.27 3.71
C ARG B 49 -11.49 3.50 2.45
N SER B 50 -12.27 2.44 2.62
CA SER B 50 -12.73 1.65 1.48
C SER B 50 -13.75 2.44 0.67
N SER B 51 -14.60 3.18 1.37
CA SER B 51 -15.65 3.97 0.72
C SER B 51 -15.41 5.49 0.69
N ILE B 52 -15.76 6.09 -0.44
CA ILE B 52 -15.62 7.53 -0.64
C ILE B 52 -16.57 8.29 0.29
N HIS B 53 -17.61 7.60 0.76
CA HIS B 53 -18.61 8.21 1.64
C HIS B 53 -18.36 8.02 3.13
N SER B 54 -17.25 7.37 3.48
CA SER B 54 -16.92 7.15 4.89
C SER B 54 -16.21 8.35 5.51
N PHE B 55 -16.16 8.36 6.84
CA PHE B 55 -15.50 9.44 7.58
C PHE B 55 -14.00 9.45 7.40
N ARG B 56 -13.44 10.64 7.13
CA ARG B 56 -12.00 10.79 6.94
C ARG B 56 -11.39 11.63 8.06
N GLY B 57 -12.03 12.73 8.40
CA GLY B 57 -11.50 13.60 9.44
C GLY B 57 -11.79 15.07 9.19
N HIS B 58 -11.23 15.93 10.05
CA HIS B 58 -11.43 17.37 9.92
C HIS B 58 -10.24 18.17 9.41
N GLY B 59 -9.24 17.47 8.87
CA GLY B 59 -8.08 18.18 8.35
C GLY B 59 -6.86 18.12 9.26
N LEU B 60 -5.69 18.32 8.66
CA LEU B 60 -4.43 18.28 9.38
C LEU B 60 -4.32 19.39 10.42
N GLU B 61 -4.75 20.60 10.07
CA GLU B 61 -4.70 21.74 10.99
C GLU B 61 -5.58 21.52 12.21
N TYR B 62 -6.80 21.05 11.99
CA TYR B 62 -7.72 20.79 13.10
C TYR B 62 -7.16 19.64 13.94
N GLY B 63 -6.61 18.64 13.26
CA GLY B 63 -6.06 17.49 13.94
C GLY B 63 -4.82 17.77 14.75
N VAL B 64 -3.90 18.57 14.19
CA VAL B 64 -2.67 18.92 14.89
C VAL B 64 -2.99 19.78 16.11
N LYS B 65 -3.96 20.67 15.97
CA LYS B 65 -4.38 21.55 17.05
C LYS B 65 -4.95 20.75 18.21
N ALA B 66 -5.84 19.82 17.89
CA ALA B 66 -6.48 18.97 18.90
C ALA B 66 -5.44 18.11 19.61
N LEU B 67 -4.51 17.56 18.84
CA LEU B 67 -3.48 16.72 19.43
C LEU B 67 -2.59 17.55 20.35
N ARG B 68 -2.34 18.79 19.95
CA ARG B 68 -1.52 19.69 20.75
C ARG B 68 -2.23 19.99 22.08
N LYS B 69 -3.56 20.08 22.02
CA LYS B 69 -4.34 20.33 23.23
C LYS B 69 -4.11 19.17 24.19
N VAL B 70 -4.23 17.94 23.67
CA VAL B 70 -4.04 16.74 24.48
C VAL B 70 -2.67 16.73 25.15
N LYS B 71 -1.63 17.02 24.38
CA LYS B 71 -0.27 17.03 24.93
C LYS B 71 -0.08 18.11 25.99
N GLU B 72 -0.68 19.28 25.78
CA GLU B 72 -0.54 20.38 26.72
C GLU B 72 -1.37 20.19 27.98
N GLU B 73 -2.58 19.69 27.81
CA GLU B 73 -3.46 19.49 28.95
C GLU B 73 -3.13 18.27 29.81
N PHE B 74 -2.66 17.20 29.18
CA PHE B 74 -2.35 15.98 29.92
C PHE B 74 -0.87 15.63 29.95
N GLY B 75 -0.05 16.42 29.25
CA GLY B 75 1.37 16.15 29.23
C GLY B 75 1.71 14.78 28.69
N LEU B 76 0.95 14.32 27.70
CA LEU B 76 1.16 13.04 27.06
C LEU B 76 1.88 13.15 25.72
N LYS B 77 2.76 12.21 25.43
CA LYS B 77 3.45 12.22 24.15
C LYS B 77 2.41 11.93 23.09
N ILE B 78 2.71 12.30 21.84
CA ILE B 78 1.74 12.12 20.76
C ILE B 78 2.27 11.34 19.57
N THR B 79 1.36 10.63 18.90
CA THR B 79 1.71 9.91 17.70
C THR B 79 0.50 9.94 16.77
N THR B 80 0.75 10.23 15.49
CA THR B 80 -0.31 10.25 14.49
C THR B 80 0.35 9.84 13.19
N ASP B 81 -0.43 9.36 12.24
CA ASP B 81 0.13 8.92 10.97
C ASP B 81 0.06 9.96 9.87
N ILE B 82 0.99 9.88 8.92
CA ILE B 82 1.03 10.80 7.80
C ILE B 82 0.77 10.00 6.53
N HIS B 83 0.33 10.67 5.47
CA HIS B 83 -0.04 9.99 4.25
C HIS B 83 0.67 10.47 2.99
N GLU B 84 1.27 11.64 3.06
CA GLU B 84 2.03 12.19 1.96
C GLU B 84 3.20 12.94 2.55
N SER B 85 4.33 12.92 1.84
CA SER B 85 5.58 13.55 2.27
C SER B 85 5.50 14.93 2.91
N TRP B 86 4.68 15.82 2.35
CA TRP B 86 4.58 17.18 2.87
C TRP B 86 3.98 17.30 4.26
N GLN B 87 3.31 16.25 4.74
CA GLN B 87 2.68 16.32 6.07
C GLN B 87 3.64 16.06 7.22
N ALA B 88 4.78 15.44 6.94
CA ALA B 88 5.75 15.13 7.97
C ALA B 88 6.16 16.33 8.83
N GLU B 89 6.59 17.40 8.18
CA GLU B 89 7.03 18.62 8.86
C GLU B 89 6.00 19.24 9.81
N PRO B 90 4.80 19.57 9.32
CA PRO B 90 3.82 20.17 10.23
C PRO B 90 3.39 19.25 11.37
N VAL B 91 3.29 17.95 11.09
CA VAL B 91 2.90 16.97 12.09
C VAL B 91 3.98 16.81 13.15
N ALA B 92 5.24 16.89 12.73
CA ALA B 92 6.38 16.75 13.62
C ALA B 92 6.35 17.79 14.76
N GLU B 93 5.58 18.85 14.56
CA GLU B 93 5.46 19.91 15.56
C GLU B 93 4.85 19.37 16.85
N VAL B 94 3.92 18.44 16.73
CA VAL B 94 3.26 17.87 17.88
C VAL B 94 3.53 16.39 18.11
N ALA B 95 3.74 15.64 17.04
CA ALA B 95 3.97 14.20 17.13
C ALA B 95 5.36 13.77 17.57
N ASP B 96 5.42 13.11 18.72
CA ASP B 96 6.68 12.59 19.26
C ASP B 96 7.10 11.40 18.41
N ILE B 97 6.11 10.69 17.89
CA ILE B 97 6.36 9.53 17.04
C ILE B 97 5.51 9.71 15.79
N ILE B 98 6.14 9.64 14.64
CA ILE B 98 5.42 9.76 13.37
C ILE B 98 5.12 8.36 12.90
N GLN B 99 3.83 8.08 12.68
CA GLN B 99 3.39 6.76 12.25
C GLN B 99 3.25 6.66 10.72
N ILE B 100 3.78 5.57 10.17
CA ILE B 100 3.72 5.30 8.74
C ILE B 100 2.68 4.20 8.49
N PRO B 101 1.63 4.48 7.73
CA PRO B 101 0.56 3.52 7.44
C PRO B 101 1.05 2.25 6.76
N ALA B 102 0.40 1.13 7.09
CA ALA B 102 0.76 -0.17 6.54
C ALA B 102 0.83 -0.21 5.02
N PHE B 103 -0.19 0.31 4.33
CA PHE B 103 -0.18 0.31 2.87
C PHE B 103 0.96 1.17 2.34
N LEU B 104 1.44 2.12 3.15
CA LEU B 104 2.50 3.02 2.72
C LEU B 104 3.89 2.70 3.25
N CYS B 105 4.06 1.53 3.87
CA CYS B 105 5.35 1.17 4.44
C CYS B 105 6.51 1.05 3.45
N ARG B 106 6.21 1.02 2.16
CA ARG B 106 7.26 0.91 1.14
C ARG B 106 7.50 2.23 0.39
N GLN B 107 6.76 3.27 0.74
CA GLN B 107 6.92 4.55 0.08
C GLN B 107 8.12 5.31 0.64
N THR B 108 9.24 5.16 -0.06
CA THR B 108 10.51 5.77 0.32
C THR B 108 10.48 7.25 0.71
N ASP B 109 9.80 8.07 -0.08
CA ASP B 109 9.72 9.50 0.22
C ASP B 109 8.98 9.79 1.52
N LEU B 110 7.97 8.98 1.83
CA LEU B 110 7.22 9.19 3.06
C LEU B 110 8.13 8.88 4.26
N LEU B 111 8.80 7.74 4.18
CA LEU B 111 9.73 7.30 5.22
C LEU B 111 10.85 8.33 5.44
N LEU B 112 11.47 8.77 4.36
CA LEU B 112 12.54 9.74 4.46
C LEU B 112 12.03 11.06 5.06
N ALA B 113 10.86 11.51 4.62
CA ALA B 113 10.26 12.73 5.13
C ALA B 113 10.08 12.64 6.64
N ALA B 114 9.60 11.48 7.11
CA ALA B 114 9.39 11.26 8.53
C ALA B 114 10.72 11.29 9.29
N ALA B 115 11.72 10.60 8.75
CA ALA B 115 13.04 10.54 9.37
C ALA B 115 13.67 11.94 9.47
N LYS B 116 13.48 12.75 8.43
CA LYS B 116 14.05 14.10 8.39
C LYS B 116 13.62 14.99 9.56
N THR B 117 12.38 14.83 10.02
CA THR B 117 11.87 15.66 11.12
C THR B 117 12.64 15.45 12.42
N GLY B 118 13.39 14.35 12.51
CA GLY B 118 14.15 14.06 13.71
C GLY B 118 13.32 13.32 14.74
N ARG B 119 12.02 13.18 14.48
CA ARG B 119 11.12 12.49 15.39
C ARG B 119 11.28 10.97 15.31
N ALA B 120 10.66 10.26 16.25
CA ALA B 120 10.72 8.81 16.25
C ALA B 120 9.77 8.36 15.13
N VAL B 121 10.05 7.21 14.52
CA VAL B 121 9.20 6.71 13.45
C VAL B 121 8.74 5.28 13.74
N ASN B 122 7.43 5.06 13.62
CA ASN B 122 6.83 3.75 13.85
C ASN B 122 6.16 3.32 12.55
N VAL B 123 6.67 2.26 11.94
CA VAL B 123 6.09 1.82 10.67
C VAL B 123 5.16 0.61 10.83
N LYS B 124 3.93 0.76 10.35
CA LYS B 124 2.97 -0.33 10.40
C LYS B 124 3.44 -1.31 9.33
N LYS B 125 3.66 -2.56 9.69
CA LYS B 125 4.12 -3.55 8.72
C LYS B 125 3.01 -3.88 7.73
N GLY B 126 3.30 -3.66 6.44
CA GLY B 126 2.31 -3.92 5.40
C GLY B 126 1.77 -5.34 5.45
N GLN B 127 0.48 -5.48 5.14
CA GLN B 127 -0.15 -6.80 5.14
C GLN B 127 0.45 -7.71 4.06
N PHE B 128 1.19 -7.10 3.14
CA PHE B 128 1.83 -7.82 2.03
C PHE B 128 3.31 -8.11 2.28
N LEU B 129 3.82 -7.66 3.43
CA LEU B 129 5.22 -7.84 3.79
C LEU B 129 5.52 -9.08 4.63
N ALA B 130 6.70 -9.66 4.39
CA ALA B 130 7.14 -10.83 5.16
C ALA B 130 7.96 -10.20 6.29
N PRO B 131 7.99 -10.84 7.48
CA PRO B 131 8.75 -10.31 8.62
C PRO B 131 10.16 -9.86 8.27
N TRP B 132 10.87 -10.68 7.50
CA TRP B 132 12.23 -10.36 7.11
C TRP B 132 12.34 -9.21 6.12
N ASP B 133 11.24 -8.88 5.44
CA ASP B 133 11.26 -7.78 4.47
C ASP B 133 11.39 -6.42 5.16
N THR B 134 11.11 -6.37 6.46
CA THR B 134 11.19 -5.11 7.19
C THR B 134 12.60 -4.62 7.45
N LYS B 135 13.58 -5.49 7.25
CA LYS B 135 14.96 -5.08 7.46
C LYS B 135 15.28 -3.89 6.57
N ASN B 136 14.79 -3.94 5.32
CA ASN B 136 15.00 -2.89 4.35
C ASN B 136 14.27 -1.61 4.72
N VAL B 137 13.14 -1.74 5.40
CA VAL B 137 12.37 -0.58 5.82
C VAL B 137 13.20 0.21 6.82
N VAL B 138 13.69 -0.48 7.85
CA VAL B 138 14.52 0.15 8.87
C VAL B 138 15.74 0.84 8.23
N GLU B 139 16.35 0.17 7.26
CA GLU B 139 17.51 0.72 6.58
C GLU B 139 17.23 2.06 5.92
N LYS B 140 16.06 2.19 5.29
CA LYS B 140 15.72 3.46 4.65
C LYS B 140 15.67 4.56 5.70
N LEU B 141 15.02 4.26 6.83
CA LEU B 141 14.89 5.23 7.90
C LEU B 141 16.22 5.66 8.49
N LYS B 142 17.13 4.71 8.66
CA LYS B 142 18.45 5.05 9.20
C LYS B 142 19.15 5.95 8.19
N PHE B 143 19.00 5.62 6.91
CA PHE B 143 19.59 6.43 5.86
C PHE B 143 19.01 7.85 5.93
N GLY B 144 17.75 7.93 6.33
CA GLY B 144 17.09 9.22 6.43
C GLY B 144 17.40 9.98 7.70
N GLY B 145 18.15 9.34 8.60
CA GLY B 145 18.52 10.00 9.85
C GLY B 145 17.69 9.66 11.07
N ALA B 146 16.84 8.64 10.98
CA ALA B 146 16.01 8.24 12.11
C ALA B 146 16.86 7.47 13.10
N LYS B 147 16.63 7.70 14.39
CA LYS B 147 17.38 7.00 15.43
C LYS B 147 16.50 6.12 16.30
N GLU B 148 15.24 6.52 16.47
CA GLU B 148 14.29 5.74 17.26
C GLU B 148 13.27 5.18 16.28
N ILE B 149 13.42 3.90 15.94
CA ILE B 149 12.56 3.24 14.97
C ILE B 149 11.77 2.07 15.54
N TYR B 150 10.49 2.01 15.23
CA TYR B 150 9.61 0.93 15.67
C TYR B 150 8.96 0.27 14.47
N LEU B 151 8.64 -1.01 14.63
CA LEU B 151 7.96 -1.78 13.58
C LEU B 151 6.72 -2.34 14.27
N THR B 152 5.56 -2.15 13.65
CA THR B 152 4.34 -2.64 14.25
C THR B 152 3.67 -3.79 13.52
N GLU B 153 3.40 -4.86 14.26
CA GLU B 153 2.74 -6.03 13.73
C GLU B 153 1.26 -5.71 13.72
N ARG B 154 0.61 -5.86 12.57
CA ARG B 154 -0.81 -5.59 12.47
C ARG B 154 -1.55 -6.61 11.59
N GLY B 155 -0.98 -7.80 11.47
CA GLY B 155 -1.62 -8.83 10.68
C GLY B 155 -1.11 -8.96 9.26
N THR B 156 -1.31 -10.13 8.67
CA THR B 156 -0.87 -10.39 7.31
C THR B 156 -2.03 -10.92 6.48
N THR B 157 -2.04 -10.57 5.20
CA THR B 157 -3.12 -11.01 4.32
C THR B 157 -3.20 -12.55 4.35
N PHE B 158 -4.38 -13.06 4.64
CA PHE B 158 -4.62 -14.49 4.72
C PHE B 158 -5.91 -14.78 3.95
N GLY B 159 -5.78 -15.05 2.67
CA GLY B 159 -6.96 -15.27 1.86
C GLY B 159 -7.62 -13.90 1.73
N TYR B 160 -8.90 -13.89 1.37
CA TYR B 160 -9.62 -12.63 1.20
C TYR B 160 -10.35 -12.14 2.44
N ASN B 161 -10.30 -10.83 2.66
CA ASN B 161 -10.98 -10.20 3.77
C ASN B 161 -10.67 -10.80 5.14
N ASN B 162 -9.43 -11.23 5.32
CA ASN B 162 -9.02 -11.83 6.58
C ASN B 162 -7.53 -11.60 6.78
N LEU B 163 -7.14 -11.48 8.04
CA LEU B 163 -5.74 -11.27 8.41
C LEU B 163 -5.36 -12.30 9.46
N VAL B 164 -4.11 -12.71 9.45
CA VAL B 164 -3.65 -13.67 10.45
C VAL B 164 -2.42 -13.03 11.08
N VAL B 165 -2.18 -13.34 12.36
CA VAL B 165 -1.02 -12.81 13.05
C VAL B 165 -0.02 -13.94 13.19
N ASP B 166 1.11 -13.81 12.48
CA ASP B 166 2.18 -14.80 12.55
C ASP B 166 3.12 -14.28 13.65
N PHE B 167 2.96 -14.78 14.87
CA PHE B 167 3.79 -14.31 15.98
C PHE B 167 5.28 -14.55 15.86
N ARG B 168 5.68 -15.32 14.84
CA ARG B 168 7.10 -15.53 14.61
C ARG B 168 7.71 -14.17 14.20
N SER B 169 6.86 -13.25 13.74
CA SER B 169 7.32 -11.93 13.29
C SER B 169 7.92 -11.08 14.40
N LEU B 170 7.42 -11.24 15.62
CA LEU B 170 7.94 -10.46 16.75
C LEU B 170 9.44 -10.68 16.94
N PRO B 171 9.87 -11.93 17.16
CA PRO B 171 11.31 -12.11 17.34
C PRO B 171 12.14 -11.77 16.09
N ILE B 172 11.61 -12.06 14.91
CA ILE B 172 12.32 -11.76 13.67
C ILE B 172 12.55 -10.26 13.50
N MET B 173 11.50 -9.45 13.67
CA MET B 173 11.63 -8.01 13.51
C MET B 173 12.45 -7.36 14.63
N LYS B 174 12.51 -8.02 15.77
CA LYS B 174 13.26 -7.51 16.90
C LYS B 174 14.75 -7.42 16.57
N GLN B 175 15.18 -8.15 15.55
CA GLN B 175 16.58 -8.12 15.15
C GLN B 175 17.03 -6.74 14.70
N TRP B 176 16.11 -5.93 14.17
CA TRP B 176 16.50 -4.59 13.69
C TRP B 176 15.72 -3.37 14.17
N ALA B 177 14.67 -3.58 14.94
CA ALA B 177 13.91 -2.44 15.45
C ALA B 177 13.14 -2.84 16.70
N LYS B 178 12.56 -1.86 17.39
CA LYS B 178 11.75 -2.15 18.57
C LYS B 178 10.42 -2.57 18.00
N VAL B 179 9.83 -3.63 18.56
CA VAL B 179 8.56 -4.13 18.03
C VAL B 179 7.32 -3.80 18.84
N ILE B 180 6.29 -3.37 18.13
CA ILE B 180 5.01 -3.01 18.71
C ILE B 180 3.94 -3.93 18.14
N TYR B 181 2.99 -4.34 18.97
CA TYR B 181 1.90 -5.20 18.50
C TYR B 181 0.61 -4.40 18.47
N ASP B 182 0.02 -4.27 17.29
CA ASP B 182 -1.24 -3.55 17.10
C ASP B 182 -2.36 -4.56 17.41
N ALA B 183 -2.91 -4.48 18.62
CA ALA B 183 -3.95 -5.41 19.05
C ALA B 183 -5.32 -5.14 18.43
N THR B 184 -5.49 -3.94 17.90
CA THR B 184 -6.76 -3.53 17.30
C THR B 184 -6.93 -3.96 15.85
N HIS B 185 -6.02 -3.53 14.99
CA HIS B 185 -6.13 -3.88 13.58
C HIS B 185 -5.79 -5.33 13.24
N SER B 186 -5.11 -6.03 14.14
CA SER B 186 -4.76 -7.42 13.86
C SER B 186 -6.00 -8.32 13.80
N VAL B 187 -7.11 -7.88 14.38
CA VAL B 187 -8.33 -8.68 14.35
C VAL B 187 -9.36 -8.14 13.37
N GLN B 188 -9.00 -7.11 12.62
CA GLN B 188 -9.93 -6.55 11.65
C GLN B 188 -10.06 -7.45 10.42
N LEU B 189 -11.21 -7.40 9.77
CA LEU B 189 -11.46 -8.18 8.57
C LEU B 189 -11.59 -7.15 7.43
N PRO B 190 -10.50 -6.95 6.67
CA PRO B 190 -10.47 -5.99 5.56
C PRO B 190 -11.69 -6.05 4.63
N GLY B 191 -12.35 -4.90 4.47
CA GLY B 191 -13.52 -4.80 3.61
C GLY B 191 -14.59 -5.86 3.89
N GLY B 192 -14.54 -6.45 5.08
CA GLY B 192 -15.49 -7.48 5.45
C GLY B 192 -16.94 -7.06 5.52
N LEU B 193 -17.20 -5.78 5.73
CA LEU B 193 -18.58 -5.27 5.82
C LEU B 193 -19.03 -4.59 4.53
N GLY B 194 -18.42 -4.98 3.41
CA GLY B 194 -18.80 -4.39 2.14
C GLY B 194 -18.16 -3.03 1.91
N ASP B 195 -18.79 -1.97 2.41
CA ASP B 195 -18.26 -0.63 2.24
C ASP B 195 -17.38 -0.19 3.42
N LYS B 196 -17.03 -1.15 4.28
CA LYS B 196 -16.19 -0.89 5.45
C LYS B 196 -15.51 -2.19 5.87
N SER B 197 -14.48 -2.07 6.71
CA SER B 197 -13.77 -3.25 7.20
C SER B 197 -14.42 -3.74 8.49
N GLY B 198 -14.38 -5.05 8.71
CA GLY B 198 -14.97 -5.62 9.90
C GLY B 198 -13.92 -5.96 10.94
N GLY B 199 -14.26 -6.88 11.84
CA GLY B 199 -13.34 -7.28 12.87
C GLY B 199 -14.03 -8.08 13.96
N MET B 200 -13.24 -8.78 14.77
CA MET B 200 -13.78 -9.57 15.85
C MET B 200 -13.12 -9.20 17.17
N ARG B 201 -13.82 -8.37 17.92
CA ARG B 201 -13.35 -7.87 19.21
C ARG B 201 -13.04 -8.96 20.23
N GLU B 202 -13.76 -10.07 20.17
CA GLU B 202 -13.54 -11.15 21.11
C GLU B 202 -12.12 -11.70 21.10
N PHE B 203 -11.38 -11.45 20.03
CA PHE B 203 -10.02 -11.96 19.93
C PHE B 203 -8.94 -10.95 20.30
N ILE B 204 -9.32 -9.70 20.53
CA ILE B 204 -8.34 -8.67 20.87
C ILE B 204 -7.48 -9.03 22.09
N PHE B 205 -8.14 -9.32 23.21
CA PHE B 205 -7.45 -9.64 24.45
C PHE B 205 -6.60 -10.91 24.36
N PRO B 206 -7.18 -12.04 23.91
CA PRO B 206 -6.40 -13.26 23.81
C PRO B 206 -5.10 -13.08 23.02
N LEU B 207 -5.19 -12.40 21.88
CA LEU B 207 -4.02 -12.19 21.04
C LEU B 207 -3.01 -11.24 21.66
N ILE B 208 -3.49 -10.28 22.44
CA ILE B 208 -2.58 -9.33 23.06
C ILE B 208 -1.82 -10.06 24.19
N ARG B 209 -2.47 -11.05 24.80
CA ARG B 209 -1.82 -11.83 25.85
C ARG B 209 -0.69 -12.62 25.20
N ALA B 210 -0.94 -13.14 24.00
CA ALA B 210 0.05 -13.91 23.27
C ALA B 210 1.24 -13.03 22.91
N ALA B 211 0.96 -11.79 22.54
CA ALA B 211 2.00 -10.84 22.16
C ALA B 211 3.02 -10.62 23.27
N VAL B 212 2.56 -10.42 24.50
CA VAL B 212 3.49 -10.20 25.61
C VAL B 212 4.15 -11.51 26.06
N ALA B 213 3.49 -12.64 25.84
CA ALA B 213 4.07 -13.92 26.22
C ALA B 213 5.24 -14.20 25.28
N VAL B 214 5.05 -13.88 24.01
CA VAL B 214 6.10 -14.07 23.00
C VAL B 214 7.21 -13.06 23.28
N GLY B 215 6.83 -11.80 23.43
CA GLY B 215 7.80 -10.76 23.68
C GLY B 215 7.78 -9.62 22.67
N CYS B 216 7.43 -8.43 23.13
CA CYS B 216 7.41 -7.23 22.29
C CYS B 216 7.75 -6.04 23.17
N ASP B 217 8.16 -4.93 22.53
CA ASP B 217 8.54 -3.73 23.26
C ASP B 217 7.37 -2.83 23.59
N GLY B 218 6.20 -3.16 23.05
CA GLY B 218 5.03 -2.34 23.34
C GLY B 218 3.79 -2.82 22.62
N VAL B 219 2.66 -2.25 23.02
CA VAL B 219 1.38 -2.59 22.42
C VAL B 219 0.67 -1.33 21.95
N PHE B 220 -0.10 -1.49 20.87
CA PHE B 220 -0.86 -0.42 20.26
C PHE B 220 -2.32 -0.86 20.34
N MET B 221 -3.16 -0.04 20.99
CA MET B 221 -4.58 -0.36 21.14
C MET B 221 -5.45 0.86 20.95
N GLU B 222 -6.36 0.80 19.98
CA GLU B 222 -7.26 1.92 19.79
C GLU B 222 -8.43 1.73 20.75
N THR B 223 -8.86 2.80 21.38
CA THR B 223 -9.96 2.75 22.34
C THR B 223 -10.92 3.90 22.15
N HIS B 224 -12.20 3.63 22.38
CA HIS B 224 -13.25 4.63 22.22
C HIS B 224 -14.29 4.43 23.33
N PRO B 225 -14.83 5.52 23.88
CA PRO B 225 -15.83 5.41 24.94
C PRO B 225 -17.02 4.55 24.54
N GLU B 226 -17.40 4.64 23.26
CA GLU B 226 -18.52 3.87 22.73
C GLU B 226 -18.17 3.45 21.30
N PRO B 227 -17.30 2.42 21.16
CA PRO B 227 -16.87 1.89 19.86
C PRO B 227 -18.00 1.81 18.85
N GLU B 228 -19.18 1.40 19.34
CA GLU B 228 -20.38 1.27 18.53
C GLU B 228 -20.68 2.53 17.74
N LYS B 229 -20.41 3.68 18.35
CA LYS B 229 -20.66 4.98 17.73
C LYS B 229 -19.46 5.53 16.97
N ALA B 230 -18.32 4.86 17.07
CA ALA B 230 -17.12 5.33 16.37
C ALA B 230 -17.39 5.57 14.89
N LEU B 231 -16.76 6.59 14.34
CA LEU B 231 -16.94 6.94 12.94
C LEU B 231 -15.94 6.18 12.07
N SER B 232 -15.16 5.33 12.72
CA SER B 232 -14.15 4.55 12.03
C SER B 232 -13.77 3.36 12.91
N ASP B 233 -13.35 2.26 12.26
CA ASP B 233 -12.92 1.05 12.97
C ASP B 233 -13.76 0.71 14.20
N ALA B 234 -15.08 0.88 14.09
CA ALA B 234 -15.97 0.60 15.21
C ALA B 234 -15.95 -0.87 15.62
N SER B 235 -15.65 -1.75 14.68
CA SER B 235 -15.63 -3.19 14.94
C SER B 235 -14.43 -3.64 15.76
N THR B 236 -13.37 -2.85 15.78
CA THR B 236 -12.17 -3.23 16.50
C THR B 236 -11.78 -2.38 17.70
N GLN B 237 -12.26 -1.13 17.76
CA GLN B 237 -11.90 -0.27 18.88
C GLN B 237 -12.40 -0.79 20.22
N LEU B 238 -11.52 -0.73 21.21
CA LEU B 238 -11.81 -1.21 22.55
C LEU B 238 -12.52 -0.19 23.45
N PRO B 239 -13.56 -0.62 24.18
CA PRO B 239 -14.29 0.26 25.08
C PRO B 239 -13.29 0.84 26.09
N LEU B 240 -13.33 2.15 26.28
CA LEU B 240 -12.42 2.83 27.19
C LEU B 240 -12.41 2.24 28.60
N SER B 241 -13.56 1.77 29.05
CA SER B 241 -13.68 1.19 30.39
C SER B 241 -12.86 -0.08 30.58
N GLN B 242 -12.62 -0.80 29.49
CA GLN B 242 -11.86 -2.05 29.56
C GLN B 242 -10.35 -1.91 29.44
N LEU B 243 -9.90 -0.70 29.12
CA LEU B 243 -8.47 -0.47 28.94
C LEU B 243 -7.61 -0.81 30.16
N GLU B 244 -7.99 -0.31 31.33
CA GLU B 244 -7.20 -0.56 32.54
C GLU B 244 -6.97 -2.04 32.81
N GLY B 245 -8.05 -2.81 32.82
CA GLY B 245 -7.94 -4.23 33.06
C GLY B 245 -6.96 -4.93 32.14
N ILE B 246 -7.06 -4.64 30.84
CA ILE B 246 -6.18 -5.27 29.88
C ILE B 246 -4.71 -4.89 30.10
N ILE B 247 -4.44 -3.63 30.39
CA ILE B 247 -3.07 -3.19 30.63
C ILE B 247 -2.47 -3.89 31.86
N GLU B 248 -3.22 -3.93 32.95
CA GLU B 248 -2.72 -4.59 34.16
C GLU B 248 -2.42 -6.05 33.83
N ALA B 249 -3.30 -6.66 33.04
CA ALA B 249 -3.13 -8.06 32.65
C ALA B 249 -1.87 -8.31 31.84
N ILE B 250 -1.59 -7.44 30.87
CA ILE B 250 -0.39 -7.66 30.07
C ILE B 250 0.88 -7.34 30.84
N LEU B 251 0.79 -6.46 31.83
CA LEU B 251 1.98 -6.16 32.63
C LEU B 251 2.33 -7.37 33.48
N GLU B 252 1.31 -8.02 34.03
CA GLU B 252 1.49 -9.22 34.85
C GLU B 252 2.08 -10.36 34.03
N ILE B 253 1.48 -10.63 32.87
CA ILE B 253 1.96 -11.69 32.00
C ILE B 253 3.39 -11.41 31.55
N ARG B 254 3.64 -10.16 31.16
CA ARG B 254 4.97 -9.74 30.73
C ARG B 254 5.98 -9.96 31.85
N GLU B 255 5.63 -9.60 33.06
CA GLU B 255 6.53 -9.75 34.20
C GLU B 255 7.02 -11.19 34.32
N VAL B 256 6.09 -12.14 34.30
CA VAL B 256 6.43 -13.55 34.41
C VAL B 256 7.14 -14.09 33.16
N ALA B 257 6.54 -13.86 31.99
CA ALA B 257 7.10 -14.37 30.74
C ALA B 257 8.42 -13.74 30.30
N SER B 258 8.65 -12.48 30.67
CA SER B 258 9.88 -11.79 30.26
C SER B 258 11.13 -12.57 30.64
N LYS B 259 11.04 -13.41 31.66
CA LYS B 259 12.18 -14.21 32.09
C LYS B 259 12.67 -15.13 30.97
N TYR B 260 11.77 -15.45 30.05
CA TYR B 260 12.10 -16.35 28.96
C TYR B 260 12.27 -15.72 27.59
N TYR B 261 12.17 -14.40 27.49
CA TYR B 261 12.35 -13.76 26.20
C TYR B 261 13.75 -14.09 25.67
N GLU B 262 13.83 -14.68 24.49
CA GLU B 262 15.12 -15.03 23.91
C GLU B 262 15.93 -13.78 23.59
N THR B 263 17.25 -13.87 23.71
CA THR B 263 18.14 -12.76 23.44
C THR B 263 18.34 -12.54 21.93
N ILE B 264 18.53 -11.27 21.57
CA ILE B 264 18.74 -10.82 20.18
C ILE B 264 17.67 -11.32 19.21
C1 RP5 C . 6.99 -2.99 -8.53
O4 RP5 C . 7.89 -3.84 -7.79
C2 RP5 C . 7.89 -1.90 -9.27
O2 RP5 C . 8.17 -2.29 -10.63
C3 RP5 C . 9.16 -1.74 -8.35
O3 RP5 C . 10.42 -1.59 -9.02
C4 RP5 C . 9.18 -3.17 -7.67
C5 RP5 C . 9.76 -2.96 -6.21
O5 RP5 C . 10.57 -4.13 -6.30
P' RP5 C . 11.88 -4.29 -5.55
O1X RP5 C . 12.66 -3.04 -5.10
O2X RP5 C . 11.48 -5.10 -4.35
O3X RP5 C . 12.73 -5.02 -6.58
O1 RP5 C . 6.15 -2.30 -7.59
C1 PEP D . 4.59 -0.48 -12.14
O1 PEP D . 5.57 0.18 -12.62
O2' PEP D . 3.83 -0.95 -12.93
C2 PEP D . 4.48 -0.75 -10.63
C3 PEP D . 5.00 0.13 -9.74
O2 PEP D . 3.45 -1.66 -10.37
P PEP D . 2.64 -2.07 -9.08
O1P PEP D . 2.24 -0.80 -8.45
O2P PEP D . 3.66 -2.78 -8.25
O3P PEP D . 1.55 -3.01 -9.66
C1 RP5 E . -7.06 1.12 8.86
O4 RP5 E . -8.16 0.19 8.55
C2 RP5 E . -7.72 2.53 9.19
O2 RP5 E . -7.96 2.68 10.61
C3 RP5 E . -9.02 2.52 8.32
O3 RP5 E . -10.08 3.35 8.84
C4 RP5 E . -9.38 0.95 8.25
C5 RP5 E . -9.92 0.45 6.84
O5 RP5 E . -10.95 1.35 6.39
P' RP5 E . -12.34 0.77 6.08
O1X RP5 E . -13.07 1.94 5.39
O2X RP5 E . -12.22 -0.41 5.10
O3X RP5 E . -13.11 0.40 7.36
O1 RP5 E . -6.21 1.33 7.73
C1 PEP F . -4.12 3.44 11.95
O1 PEP F . -4.96 4.38 12.11
O2' PEP F . -3.35 3.03 12.76
C2 PEP F . -4.07 2.90 10.50
C3 PEP F . -4.31 3.71 9.44
O2 PEP F . -3.38 1.68 10.50
P PEP F . -2.71 0.79 9.38
O1P PEP F . -2.05 1.66 8.40
O2P PEP F . -3.89 0.27 8.65
O3P PEP F . -1.89 -0.27 10.18
#